data_2QVY
#
_entry.id   2QVY
#
_cell.length_a   127.813
_cell.length_b   127.813
_cell.length_c   71.421
_cell.angle_alpha   90.00
_cell.angle_beta   90.00
_cell.angle_gamma   120.00
#
_symmetry.space_group_name_H-M   'P 32 2 1'
#
loop_
_entity.id
_entity.type
_entity.pdbx_description
1 polymer '4-Chlorobenzoate CoA Ligase'
2 non-polymer 3,4-dichlorobenzoate
3 water water
#
_entity_poly.entity_id   1
_entity_poly.type   'polypeptide(L)'
_entity_poly.pdbx_seq_one_letter_code
;MQTVNEMLRRAATRAPDHCALAVPARGLRLTHAELRARVEAVAARLHADGLRPQQRVAVVAPNSADVVIAILALHRLGAV
PALLNPRLKSAELAELIKRGEMTAAVIAVGRQVADAIFQSGSGARIIFLGDLVRDGEPYSYGPPIEDPQREPAQPAFIFY
TSGTTGLPKAAIIPQRAAESRVLFMSTQVGLRHGRHNVVLGLMPLYHVVGFFAVLVAALALDGTYVVVEEFRPVDALQLV
QQEQVTSLFATPTHLDALAAAAAHAGSSLKLDSLRHVTFAGATMPDAVLETVHQHLPGEKVNGYGTTEAMNSLYMRQPKT
GTEMAPGFFSEVRIVRIGGGVDEIVANGEEGELIVAASDSAFVGYLNQPQATAEKLQDGWYRTSDVAVWTPEGTVRILGR
VDDMIISGGENIHPSEIERVLGTAPGVTEVVVIGLADQRWGQSVTACVVPRLGETLSADALDTFCRSSELADFKRPKRYF
ILDQLPKNALNKVLRRQLVQQVSS
;
_entity_poly.pdbx_strand_id   X
#
loop_
_chem_comp.id
_chem_comp.type
_chem_comp.name
_chem_comp.formula
34Z non-polymer 3,4-dichlorobenzoate 'C7 H4 Cl2 O2'
#
# COMPACT_ATOMS: atom_id res chain seq x y z
N MET A 1 -13.01 20.53 8.76
CA MET A 1 -12.48 19.11 8.71
C MET A 1 -13.63 18.08 8.86
N GLN A 2 -13.46 16.88 8.32
CA GLN A 2 -14.17 15.71 8.81
C GLN A 2 -13.15 14.63 9.18
N THR A 3 -13.05 14.29 10.47
CA THR A 3 -12.07 13.28 10.85
C THR A 3 -12.60 11.88 10.50
N VAL A 4 -11.72 10.87 10.63
CA VAL A 4 -12.09 9.47 10.54
C VAL A 4 -13.23 9.22 11.53
N ASN A 5 -12.99 9.49 12.79
CA ASN A 5 -14.02 9.26 13.77
C ASN A 5 -15.34 9.85 13.36
N GLU A 6 -15.29 11.11 12.94
CA GLU A 6 -16.54 11.77 12.53
C GLU A 6 -17.17 11.08 11.33
N MET A 7 -16.35 10.68 10.38
CA MET A 7 -16.94 10.09 9.20
C MET A 7 -17.74 8.86 9.63
N LEU A 8 -17.12 8.05 10.49
CA LEU A 8 -17.70 6.77 10.89
C LEU A 8 -18.92 6.93 11.80
N ARG A 9 -18.88 7.97 12.63
CA ARG A 9 -19.96 8.23 13.56
C ARG A 9 -21.20 8.70 12.80
N ARG A 10 -21.01 9.65 11.88
CA ARG A 10 -22.13 10.23 11.13
C ARG A 10 -22.83 9.10 10.35
N ALA A 11 -22.00 8.20 9.79
CA ALA A 11 -22.47 6.98 9.14
C ALA A 11 -23.37 6.18 10.10
N ALA A 12 -22.82 5.75 11.22
CA ALA A 12 -23.62 5.13 12.30
C ALA A 12 -25.04 5.71 12.44
N THR A 13 -25.14 7.04 12.47
CA THR A 13 -26.43 7.73 12.66
C THR A 13 -27.29 7.68 11.38
N ARG A 14 -26.66 7.49 10.24
CA ARG A 14 -27.43 7.38 9.04
C ARG A 14 -27.89 5.95 8.79
N ALA A 15 -27.16 4.95 9.31
CA ALA A 15 -27.47 3.56 8.97
C ALA A 15 -27.22 2.57 10.12
N PRO A 16 -27.84 2.83 11.27
CA PRO A 16 -27.46 2.07 12.47
C PRO A 16 -27.61 0.54 12.29
N ASP A 17 -28.67 0.10 11.63
CA ASP A 17 -28.95 -1.31 11.54
C ASP A 17 -28.47 -1.94 10.22
N HIS A 18 -27.70 -1.20 9.43
CA HIS A 18 -27.11 -1.79 8.23
C HIS A 18 -25.79 -2.49 8.60
N CYS A 19 -25.39 -3.50 7.82
CA CYS A 19 -24.15 -4.25 8.06
C CYS A 19 -22.81 -3.49 7.74
N ALA A 20 -21.94 -3.38 8.76
CA ALA A 20 -20.71 -2.63 8.67
C ALA A 20 -19.58 -3.59 8.36
N LEU A 21 -19.35 -4.48 9.32
CA LEU A 21 -18.37 -5.57 9.24
C LEU A 21 -19.01 -6.91 8.98
N ALA A 22 -18.39 -7.67 8.11
CA ALA A 22 -18.75 -9.05 7.90
C ALA A 22 -17.49 -9.92 7.81
N VAL A 23 -17.38 -10.89 8.70
CA VAL A 23 -16.40 -11.94 8.58
C VAL A 23 -17.20 -13.16 8.16
N PRO A 24 -17.33 -13.43 6.85
CA PRO A 24 -18.13 -14.58 6.37
C PRO A 24 -17.56 -15.95 6.78
N ALA A 25 -16.24 -16.08 6.84
CA ALA A 25 -15.61 -17.34 7.32
C ALA A 25 -16.10 -17.73 8.74
N ARG A 26 -16.09 -16.75 9.64
CA ARG A 26 -16.45 -16.95 11.03
C ARG A 26 -17.92 -16.74 11.22
N GLY A 27 -18.67 -16.63 10.13
CA GLY A 27 -20.11 -16.42 10.18
C GLY A 27 -20.44 -15.30 11.15
N LEU A 28 -19.76 -14.17 10.99
CA LEU A 28 -19.98 -13.02 11.87
C LEU A 28 -20.42 -11.78 11.08
N ARG A 29 -21.44 -11.06 11.57
CA ARG A 29 -21.80 -9.75 10.99
C ARG A 29 -22.05 -8.72 12.08
N LEU A 30 -21.58 -7.50 11.91
CA LEU A 30 -22.06 -6.44 12.77
C LEU A 30 -22.62 -5.30 11.95
N THR A 31 -23.76 -4.80 12.40
CA THR A 31 -24.27 -3.53 11.91
C THR A 31 -23.37 -2.37 12.30
N HIS A 32 -23.64 -1.19 11.71
CA HIS A 32 -22.98 0.06 12.09
C HIS A 32 -23.23 0.44 13.58
N ALA A 33 -24.46 0.21 14.05
CA ALA A 33 -24.82 0.49 15.43
C ALA A 33 -23.95 -0.40 16.31
N GLU A 34 -23.99 -1.70 16.03
CA GLU A 34 -23.26 -2.64 16.83
C GLU A 34 -21.78 -2.32 16.81
N LEU A 35 -21.24 -1.93 15.66
CA LEU A 35 -19.80 -1.63 15.57
C LEU A 35 -19.39 -0.35 16.31
N ARG A 36 -20.30 0.62 16.42
CA ARG A 36 -20.00 1.76 17.29
C ARG A 36 -19.88 1.36 18.76
N ALA A 37 -20.87 0.62 19.27
CA ALA A 37 -20.84 0.18 20.69
C ALA A 37 -19.48 -0.44 21.10
N ARG A 38 -19.00 -1.35 20.28
CA ARG A 38 -17.72 -1.97 20.55
C ARG A 38 -16.50 -1.06 20.41
N VAL A 39 -16.56 -0.06 19.53
CA VAL A 39 -15.48 0.93 19.51
C VAL A 39 -15.54 1.76 20.79
N GLU A 40 -16.72 2.23 21.14
CA GLU A 40 -16.95 2.98 22.37
C GLU A 40 -16.39 2.24 23.57
N ALA A 41 -16.72 0.96 23.69
CA ALA A 41 -16.48 0.24 24.94
C ALA A 41 -14.99 -0.06 25.14
N VAL A 42 -14.34 -0.54 24.07
CA VAL A 42 -12.91 -0.72 24.07
C VAL A 42 -12.20 0.61 24.32
N ALA A 43 -12.70 1.68 23.68
CA ALA A 43 -12.08 3.00 23.86
C ALA A 43 -12.03 3.36 25.34
N ALA A 44 -13.15 3.22 26.02
CA ALA A 44 -13.28 3.47 27.45
C ALA A 44 -12.32 2.63 28.31
N ARG A 45 -12.17 1.38 27.91
CA ARG A 45 -11.42 0.38 28.66
C ARG A 45 -9.93 0.60 28.58
N LEU A 46 -9.49 1.14 27.44
CA LEU A 46 -8.11 1.51 27.26
C LEU A 46 -7.83 2.81 27.99
N HIS A 47 -8.84 3.68 28.04
CA HIS A 47 -8.76 4.94 28.77
C HIS A 47 -8.79 4.65 30.25
N ALA A 48 -9.64 3.69 30.63
CA ALA A 48 -9.72 3.28 32.05
C ALA A 48 -8.39 2.71 32.57
N ASP A 49 -7.65 2.04 31.68
CA ASP A 49 -6.30 1.54 31.97
C ASP A 49 -5.23 2.62 31.85
N GLY A 50 -5.70 3.90 31.72
CA GLY A 50 -4.76 5.02 31.78
C GLY A 50 -3.91 5.14 30.53
N LEU A 51 -4.34 6.01 29.63
CA LEU A 51 -3.82 6.06 28.27
C LEU A 51 -4.63 7.14 27.56
N ARG A 52 -3.94 8.22 27.23
CA ARG A 52 -4.58 9.48 26.92
C ARG A 52 -4.47 9.80 25.42
N PRO A 53 -5.13 10.89 24.98
CA PRO A 53 -4.97 11.38 23.62
C PRO A 53 -3.52 11.65 23.26
N GLN A 54 -3.27 11.74 21.95
CA GLN A 54 -1.94 12.04 21.36
C GLN A 54 -0.79 11.07 21.67
N GLN A 55 -1.04 10.11 22.56
CA GLN A 55 -0.08 9.03 22.88
C GLN A 55 -0.09 8.00 21.74
N ARG A 56 1.09 7.64 21.26
CA ARG A 56 1.26 6.64 20.19
C ARG A 56 1.14 5.20 20.71
N VAL A 57 0.24 4.42 20.09
CA VAL A 57 0.09 2.98 20.33
C VAL A 57 0.36 2.19 19.04
N ALA A 58 1.23 1.18 19.13
CA ALA A 58 1.54 0.35 17.96
C ALA A 58 0.51 -0.75 17.74
N VAL A 59 0.18 -1.02 16.49
CA VAL A 59 -0.70 -2.14 16.17
C VAL A 59 0.00 -3.13 15.21
N VAL A 60 0.20 -4.35 15.69
CA VAL A 60 0.87 -5.41 14.96
C VAL A 60 -0.11 -6.58 14.92
N ALA A 61 -0.87 -6.69 13.83
CA ALA A 61 -1.88 -7.74 13.68
C ALA A 61 -2.13 -7.95 12.20
N PRO A 62 -2.51 -9.18 11.79
CA PRO A 62 -3.03 -9.46 10.46
C PRO A 62 -4.49 -9.00 10.40
N ASN A 63 -5.07 -8.87 9.21
CA ASN A 63 -6.48 -8.40 9.09
C ASN A 63 -7.54 -9.23 9.82
N SER A 64 -8.36 -8.58 10.64
CA SER A 64 -9.45 -9.28 11.36
C SER A 64 -10.47 -8.30 11.90
N ALA A 65 -11.71 -8.71 12.08
CA ALA A 65 -12.71 -7.78 12.67
C ALA A 65 -12.18 -7.17 13.97
N ASP A 66 -11.38 -7.95 14.70
CA ASP A 66 -10.93 -7.56 16.02
C ASP A 66 -9.97 -6.37 15.99
N VAL A 67 -9.02 -6.41 15.07
CA VAL A 67 -8.07 -5.34 14.90
C VAL A 67 -8.73 -4.07 14.35
N VAL A 68 -9.71 -4.23 13.46
CA VAL A 68 -10.52 -3.09 13.03
C VAL A 68 -11.13 -2.39 14.25
N ILE A 69 -11.76 -3.14 15.13
CA ILE A 69 -12.29 -2.56 16.35
C ILE A 69 -11.20 -1.86 17.19
N ALA A 70 -10.08 -2.55 17.35
CA ALA A 70 -8.96 -2.08 18.17
C ALA A 70 -8.46 -0.70 17.69
N ILE A 71 -8.22 -0.61 16.38
CA ILE A 71 -7.67 0.58 15.76
C ILE A 71 -8.67 1.73 15.90
N LEU A 72 -9.90 1.49 15.50
CA LEU A 72 -10.93 2.54 15.61
C LEU A 72 -11.08 3.00 17.04
N ALA A 73 -11.05 2.06 17.96
CA ALA A 73 -11.26 2.39 19.34
C ALA A 73 -10.13 3.28 19.84
N LEU A 74 -8.92 3.04 19.35
CA LEU A 74 -7.79 3.86 19.78
C LEU A 74 -7.97 5.29 19.26
N HIS A 75 -8.38 5.41 18.02
CA HIS A 75 -8.56 6.71 17.39
C HIS A 75 -9.71 7.49 18.05
N ARG A 76 -10.75 6.75 18.39
CA ARG A 76 -11.91 7.29 19.10
C ARG A 76 -11.50 7.79 20.48
N LEU A 77 -10.56 7.09 21.12
CA LEU A 77 -9.99 7.51 22.40
C LEU A 77 -9.23 8.81 22.18
N GLY A 78 -8.39 8.82 21.14
CA GLY A 78 -7.55 9.97 20.82
C GLY A 78 -6.10 9.57 20.63
N ALA A 79 -5.79 8.30 20.93
CA ALA A 79 -4.44 7.74 20.74
C ALA A 79 -4.16 7.67 19.25
N VAL A 80 -2.88 7.75 18.92
CA VAL A 80 -2.42 7.86 17.55
C VAL A 80 -1.89 6.49 17.16
N PRO A 81 -2.69 5.71 16.39
CA PRO A 81 -2.18 4.38 16.13
C PRO A 81 -1.04 4.43 15.11
N ALA A 82 -0.01 3.63 15.39
CA ALA A 82 1.06 3.39 14.44
C ALA A 82 0.91 1.96 13.91
N LEU A 83 0.38 1.81 12.71
CA LEU A 83 0.12 0.48 12.20
C LEU A 83 1.38 -0.17 11.53
N LEU A 84 1.66 -1.41 11.92
CA LEU A 84 2.89 -2.06 11.48
C LEU A 84 2.63 -3.43 10.81
N ASN A 85 3.42 -3.73 9.78
CA ASN A 85 3.34 -4.97 9.04
C ASN A 85 3.67 -6.15 9.94
N PRO A 86 2.75 -7.15 10.09
CA PRO A 86 3.09 -8.31 10.92
C PRO A 86 4.17 -9.24 10.34
N ARG A 87 4.54 -9.08 9.07
CA ARG A 87 5.59 -9.93 8.52
C ARG A 87 6.99 -9.33 8.78
N LEU A 88 7.07 -8.19 9.47
CA LEU A 88 8.38 -7.64 9.84
C LEU A 88 9.12 -8.56 10.81
N LYS A 89 10.45 -8.53 10.80
CA LYS A 89 11.23 -9.37 11.74
C LYS A 89 10.96 -8.95 13.18
N SER A 90 10.86 -9.90 14.10
CA SER A 90 10.74 -9.60 15.54
C SER A 90 11.66 -8.44 15.97
N ALA A 91 12.99 -8.64 15.84
CA ALA A 91 13.98 -7.57 15.96
C ALA A 91 13.45 -6.20 15.45
N GLU A 92 13.08 -6.15 14.18
CA GLU A 92 12.71 -4.92 13.48
C GLU A 92 11.55 -4.16 14.15
N LEU A 93 10.52 -4.93 14.51
CA LEU A 93 9.31 -4.38 15.11
C LEU A 93 9.66 -3.81 16.46
N ALA A 94 10.48 -4.54 17.19
CA ALA A 94 10.85 -4.16 18.53
C ALA A 94 11.60 -2.85 18.43
N GLU A 95 12.34 -2.69 17.34
CA GLU A 95 13.14 -1.51 17.19
C GLU A 95 12.24 -0.30 16.99
N LEU A 96 11.37 -0.36 15.98
CA LEU A 96 10.47 0.75 15.61
C LEU A 96 9.57 1.25 16.74
N ILE A 97 9.27 0.38 17.69
CA ILE A 97 8.48 0.78 18.83
C ILE A 97 9.39 1.50 19.83
N LYS A 98 10.65 1.07 19.93
CA LYS A 98 11.60 1.76 20.83
C LYS A 98 11.79 3.18 20.31
N ARG A 99 12.23 3.29 19.05
CA ARG A 99 12.36 4.57 18.37
C ARG A 99 11.09 5.37 18.53
N GLY A 100 9.96 4.75 18.25
CA GLY A 100 8.67 5.44 18.24
C GLY A 100 8.21 6.07 19.54
N GLU A 101 8.94 5.86 20.63
CA GLU A 101 8.54 6.37 21.94
C GLU A 101 7.05 6.15 22.19
N MET A 102 6.62 4.88 22.12
CA MET A 102 5.20 4.53 22.12
C MET A 102 4.67 4.05 23.47
N THR A 103 3.54 4.58 23.91
CA THR A 103 3.02 4.23 25.23
C THR A 103 2.60 2.74 25.34
N ALA A 104 2.03 2.18 24.25
CA ALA A 104 1.65 0.76 24.28
C ALA A 104 1.71 0.13 22.91
N ALA A 105 1.48 -1.18 22.86
CA ALA A 105 1.40 -1.88 21.57
C ALA A 105 0.40 -3.02 21.64
N VAL A 106 -0.62 -2.94 20.80
CA VAL A 106 -1.59 -4.02 20.65
C VAL A 106 -1.02 -5.01 19.64
N ILE A 107 -0.86 -6.27 20.06
CA ILE A 107 -0.29 -7.28 19.19
C ILE A 107 -1.14 -8.53 19.14
N ALA A 108 -1.12 -9.20 17.99
CA ALA A 108 -1.78 -10.48 17.83
C ALA A 108 -0.80 -11.38 17.11
N VAL A 109 0.23 -11.80 17.85
CA VAL A 109 1.30 -12.59 17.30
C VAL A 109 1.82 -13.53 18.39
N GLN A 112 6.14 -14.87 22.05
CA GLN A 112 6.19 -15.13 20.62
C GLN A 112 7.19 -14.16 19.93
N VAL A 113 6.64 -13.23 19.16
CA VAL A 113 7.26 -11.95 18.77
C VAL A 113 7.02 -10.99 19.94
N ALA A 114 6.09 -11.39 20.81
CA ALA A 114 5.78 -10.72 22.04
C ALA A 114 7.03 -10.65 22.93
N ASP A 115 7.81 -11.73 22.99
CA ASP A 115 9.07 -11.74 23.73
C ASP A 115 10.07 -10.73 23.20
N ALA A 116 10.16 -10.65 21.87
CA ALA A 116 11.14 -9.78 21.24
C ALA A 116 10.90 -8.36 21.69
N ILE A 117 9.64 -8.03 21.96
CA ILE A 117 9.29 -6.73 22.52
C ILE A 117 9.50 -6.66 24.03
N PHE A 118 8.86 -7.56 24.79
CA PHE A 118 8.95 -7.55 26.26
C PHE A 118 10.40 -7.44 26.71
N GLN A 119 11.29 -7.84 25.80
CA GLN A 119 12.72 -7.93 26.05
C GLN A 119 13.49 -7.00 25.09
N SER A 120 12.82 -5.96 24.60
CA SER A 120 13.44 -5.00 23.68
C SER A 120 14.08 -3.83 24.41
N GLY A 121 13.73 -3.70 25.68
CA GLY A 121 14.14 -2.54 26.46
C GLY A 121 13.28 -1.34 26.11
N SER A 122 12.06 -1.59 25.66
CA SER A 122 11.16 -0.52 25.31
C SER A 122 10.11 -0.29 26.39
N GLY A 123 9.69 0.97 26.58
CA GLY A 123 8.73 1.33 27.63
C GLY A 123 7.32 1.22 27.09
N ALA A 124 7.05 0.07 26.50
CA ALA A 124 5.88 -0.14 25.67
C ALA A 124 4.94 -1.23 26.21
N ARG A 125 3.88 -0.79 26.98
CA ARG A 125 2.98 -1.80 27.54
C ARG A 125 2.37 -2.73 26.44
N ILE A 126 2.77 -4.00 26.49
CA ILE A 126 2.31 -5.05 25.56
C ILE A 126 0.88 -5.55 25.83
N ILE A 127 -0.01 -5.24 24.90
CA ILE A 127 -1.41 -5.63 25.01
C ILE A 127 -1.69 -6.77 24.03
N PHE A 128 -2.20 -7.89 24.54
CA PHE A 128 -2.72 -8.92 23.64
C PHE A 128 -4.05 -8.43 23.08
N LEU A 129 -4.20 -8.59 21.76
CA LEU A 129 -5.42 -8.16 21.06
C LEU A 129 -6.66 -8.89 21.58
N GLY A 130 -6.52 -10.19 21.82
CA GLY A 130 -7.60 -11.02 22.35
C GLY A 130 -7.97 -10.74 23.78
N ASP A 131 -7.22 -9.85 24.45
CA ASP A 131 -7.53 -9.40 25.81
C ASP A 131 -8.50 -8.20 25.74
N LEU A 132 -8.67 -7.63 24.54
CA LEU A 132 -9.53 -6.44 24.31
C LEU A 132 -10.87 -6.77 23.67
N VAL A 133 -10.78 -7.43 22.52
CA VAL A 133 -11.94 -7.88 21.81
C VAL A 133 -11.56 -9.18 21.15
N ARG A 134 -12.55 -10.04 20.97
CA ARG A 134 -12.33 -11.34 20.35
C ARG A 134 -13.65 -11.80 19.74
N ASP A 135 -13.60 -12.15 18.44
CA ASP A 135 -14.78 -12.63 17.71
C ASP A 135 -15.97 -11.66 17.90
N GLY A 136 -15.69 -10.35 17.81
CA GLY A 136 -16.76 -9.34 17.85
C GLY A 136 -17.03 -8.66 19.19
N GLU A 137 -17.71 -9.35 20.11
CA GLU A 137 -17.98 -8.78 21.45
C GLU A 137 -16.67 -8.75 22.27
N PRO A 138 -16.41 -7.61 22.94
CA PRO A 138 -15.17 -7.35 23.64
C PRO A 138 -15.28 -7.52 25.15
N TYR A 139 -14.18 -7.24 25.85
CA TYR A 139 -14.12 -7.22 27.30
C TYR A 139 -14.22 -5.76 27.79
N SER A 140 -15.29 -5.42 28.54
CA SER A 140 -15.61 -4.00 28.86
C SER A 140 -15.66 -3.64 30.35
N TYR A 141 -15.04 -2.51 30.69
CA TYR A 141 -15.27 -1.83 31.97
C TYR A 141 -14.94 -0.35 31.82
N GLY A 142 -15.23 0.42 32.86
CA GLY A 142 -15.01 1.87 32.83
C GLY A 142 -16.23 2.63 32.35
N PRO A 143 -16.31 3.91 32.71
CA PRO A 143 -17.45 4.72 32.26
C PRO A 143 -17.20 5.19 30.84
N PRO A 144 -18.26 5.27 30.03
CA PRO A 144 -18.17 5.81 28.66
C PRO A 144 -17.39 7.14 28.60
N ILE A 145 -16.23 7.16 27.93
CA ILE A 145 -15.33 8.32 27.94
C ILE A 145 -15.76 9.35 26.93
N GLU A 146 -15.15 10.53 26.96
CA GLU A 146 -15.61 11.62 26.09
C GLU A 146 -14.81 11.78 24.80
N ASP A 147 -15.43 12.31 23.75
CA ASP A 147 -14.75 12.55 22.49
C ASP A 147 -13.75 13.71 22.66
N PRO A 148 -12.44 13.43 22.56
CA PRO A 148 -11.43 14.50 22.64
C PRO A 148 -11.43 15.44 21.43
N GLN A 149 -11.07 16.70 21.66
CA GLN A 149 -10.88 17.67 20.60
C GLN A 149 -9.81 17.22 19.62
N ARG A 150 -10.03 17.42 18.33
CA ARG A 150 -9.03 17.10 17.31
C ARG A 150 -8.72 18.26 16.36
N GLU A 151 -7.44 18.67 16.30
CA GLU A 151 -6.99 19.75 15.41
C GLU A 151 -6.65 19.22 14.01
N PRO A 152 -6.96 20.01 12.94
CA PRO A 152 -6.69 19.61 11.55
C PRO A 152 -5.26 19.07 11.30
N ALA A 153 -4.24 19.79 11.75
CA ALA A 153 -2.85 19.30 11.61
C ALA A 153 -2.39 18.36 12.72
N GLN A 154 -3.18 18.14 13.78
CA GLN A 154 -2.78 17.20 14.85
C GLN A 154 -2.52 15.76 14.29
N PRO A 155 -1.48 15.07 14.81
CA PRO A 155 -1.29 13.70 14.32
C PRO A 155 -2.52 12.84 14.51
N ALA A 156 -2.73 11.86 13.65
CA ALA A 156 -3.91 11.05 13.76
C ALA A 156 -3.61 9.55 13.59
N PHE A 157 -2.67 9.19 12.72
CA PHE A 157 -2.32 7.78 12.41
C PHE A 157 -0.93 7.77 11.86
N ILE A 158 -0.28 6.60 11.95
CA ILE A 158 1.12 6.51 11.60
C ILE A 158 1.29 5.24 10.81
N PHE A 159 1.79 5.42 9.60
CA PHE A 159 1.96 4.33 8.65
C PHE A 159 3.43 4.28 8.35
N TYR A 160 3.92 3.16 7.83
CA TYR A 160 5.36 2.96 7.58
C TYR A 160 5.72 2.73 6.12
N THR A 161 6.81 3.35 5.64
CA THR A 161 7.15 3.23 4.20
C THR A 161 8.37 2.40 3.89
N SER A 162 9.55 3.02 4.01
CA SER A 162 10.88 2.44 3.65
C SER A 162 11.63 3.22 2.53
N THR A 165 16.14 3.37 1.80
CA THR A 165 17.48 3.05 2.28
C THR A 165 17.50 2.03 3.45
N GLY A 166 17.51 2.49 4.71
CA GLY A 166 17.55 1.60 5.91
C GLY A 166 16.21 1.12 6.44
N LEU A 167 15.95 1.26 7.74
CA LEU A 167 14.62 0.92 8.32
C LEU A 167 13.45 1.81 7.86
N PRO A 168 12.22 1.24 7.74
CA PRO A 168 11.04 1.99 7.29
C PRO A 168 10.73 3.22 8.12
N LYS A 169 10.48 4.34 7.46
CA LYS A 169 10.19 5.59 8.15
C LYS A 169 8.70 5.68 8.59
N ALA A 170 8.43 6.50 9.61
CA ALA A 170 7.11 6.54 10.22
C ALA A 170 6.37 7.83 9.83
N ALA A 171 5.41 7.70 8.91
CA ALA A 171 4.84 8.86 8.25
C ALA A 171 3.66 9.28 9.10
N ILE A 172 3.64 10.54 9.55
CA ILE A 172 2.53 10.98 10.41
C ILE A 172 1.37 11.52 9.58
N ILE A 173 0.19 10.93 9.76
CA ILE A 173 -0.97 11.33 8.96
C ILE A 173 -1.86 12.20 9.80
N PRO A 174 -1.95 13.50 9.46
CA PRO A 174 -2.66 14.45 10.32
C PRO A 174 -4.17 14.22 10.23
N GLN A 175 -4.92 14.75 11.19
CA GLN A 175 -6.37 14.57 11.25
C GLN A 175 -7.05 14.96 9.94
N ARG A 176 -6.65 16.09 9.37
CA ARG A 176 -7.30 16.62 8.18
C ARG A 176 -7.04 15.82 6.90
N ALA A 177 -6.22 14.77 7.00
CA ALA A 177 -5.85 14.01 5.83
C ALA A 177 -6.87 12.93 5.49
N ALA A 178 -7.67 12.55 6.47
CA ALA A 178 -8.66 11.48 6.28
C ALA A 178 -9.60 11.68 5.07
N GLU A 179 -10.17 12.87 4.92
CA GLU A 179 -11.29 13.00 4.05
C GLU A 179 -10.92 12.75 2.62
N SER A 180 -9.92 13.48 2.13
CA SER A 180 -9.51 13.29 0.74
C SER A 180 -8.86 11.91 0.53
N ARG A 181 -8.30 11.33 1.58
CA ARG A 181 -7.77 9.95 1.46
C ARG A 181 -8.93 8.96 1.29
N VAL A 182 -10.15 9.39 1.60
CA VAL A 182 -11.27 8.51 1.42
C VAL A 182 -11.91 8.89 0.10
N LEU A 183 -12.14 10.20 -0.10
CA LEU A 183 -13.05 10.64 -1.14
C LEU A 183 -12.45 10.50 -2.51
N PHE A 184 -11.15 10.23 -2.59
CA PHE A 184 -10.57 10.09 -3.90
C PHE A 184 -11.09 8.79 -4.46
N MET A 185 -11.49 7.86 -3.59
CA MET A 185 -12.17 6.61 -4.06
C MET A 185 -13.47 6.91 -4.79
N SER A 186 -14.05 8.04 -4.43
CA SER A 186 -15.29 8.46 -5.04
C SER A 186 -15.06 9.38 -6.28
N THR A 187 -14.26 10.43 -6.14
CA THR A 187 -13.91 11.26 -7.34
C THR A 187 -13.12 10.52 -8.43
N GLN A 188 -12.22 9.63 -8.04
CA GLN A 188 -11.44 8.92 -9.06
C GLN A 188 -12.13 7.61 -9.42
N VAL A 189 -12.39 6.78 -8.41
CA VAL A 189 -12.72 5.40 -8.68
C VAL A 189 -14.21 5.26 -8.97
N GLY A 190 -14.98 6.28 -8.58
CA GLY A 190 -16.40 6.29 -8.88
C GLY A 190 -17.35 5.67 -7.86
N LEU A 191 -16.91 5.53 -6.62
CA LEU A 191 -17.77 5.01 -5.57
C LEU A 191 -18.74 6.13 -5.18
N ARG A 192 -19.99 5.84 -4.89
CA ARG A 192 -20.89 6.92 -4.41
C ARG A 192 -21.40 6.53 -3.05
N HIS A 193 -22.00 7.44 -2.28
CA HIS A 193 -22.51 7.08 -0.94
C HIS A 193 -23.63 6.06 -1.07
N GLY A 194 -23.69 5.07 -0.20
CA GLY A 194 -24.89 4.25 -0.25
C GLY A 194 -24.75 2.85 0.33
N ARG A 195 -25.86 2.36 0.88
CA ARG A 195 -25.93 1.05 1.50
C ARG A 195 -25.74 -0.04 0.49
N HIS A 196 -25.78 0.25 -0.80
CA HIS A 196 -25.46 -0.80 -1.72
C HIS A 196 -23.98 -1.22 -1.61
N ASN A 197 -23.11 -0.39 -1.01
CA ASN A 197 -21.66 -0.62 -1.04
C ASN A 197 -21.17 -1.86 -0.29
N VAL A 198 -20.50 -2.76 -1.02
CA VAL A 198 -19.93 -3.92 -0.39
C VAL A 198 -18.53 -4.06 -0.92
N VAL A 199 -17.57 -3.82 -0.01
CA VAL A 199 -16.14 -3.63 -0.28
C VAL A 199 -15.37 -4.80 0.30
N LEU A 200 -14.54 -5.42 -0.50
CA LEU A 200 -13.88 -6.61 -0.01
C LEU A 200 -12.54 -6.25 0.56
N GLY A 201 -12.31 -6.54 1.84
CA GLY A 201 -11.06 -6.17 2.50
C GLY A 201 -9.86 -7.09 2.22
N LEU A 202 -9.37 -7.04 0.99
CA LEU A 202 -8.22 -7.82 0.61
C LEU A 202 -6.89 -7.17 0.92
N MET A 203 -6.86 -5.84 0.94
CA MET A 203 -5.65 -5.07 1.11
C MET A 203 -5.43 -4.99 2.60
N PRO A 204 -4.17 -5.17 3.05
CA PRO A 204 -3.90 -5.17 4.48
C PRO A 204 -4.22 -3.82 5.10
N LEU A 205 -4.60 -3.84 6.39
CA LEU A 205 -4.95 -2.61 7.12
C LEU A 205 -3.76 -1.74 7.48
N TYR A 206 -2.57 -2.33 7.50
CA TYR A 206 -1.37 -1.56 7.85
C TYR A 206 -0.88 -0.67 6.65
N HIS A 207 -1.63 -0.71 5.56
CA HIS A 207 -1.31 0.07 4.39
C HIS A 207 -2.37 1.20 4.25
N VAL A 208 -1.96 2.40 3.86
CA VAL A 208 -2.91 3.51 3.79
C VAL A 208 -4.09 3.15 2.90
N VAL A 209 -3.86 2.39 1.82
CA VAL A 209 -4.95 2.06 0.91
C VAL A 209 -5.86 1.13 1.65
N GLY A 210 -5.29 0.11 2.26
CA GLY A 210 -6.08 -0.86 3.02
C GLY A 210 -6.87 -0.21 4.13
N PHE A 211 -6.33 0.89 4.68
CA PHE A 211 -7.04 1.55 5.80
C PHE A 211 -8.02 2.64 5.43
N PHE A 212 -7.56 3.64 4.68
CA PHE A 212 -8.36 4.79 4.27
C PHE A 212 -9.31 4.51 3.14
N ALA A 213 -8.76 3.95 2.06
CA ALA A 213 -9.46 3.84 0.79
C ALA A 213 -10.34 2.62 0.77
N VAL A 214 -9.96 1.61 1.58
CA VAL A 214 -10.76 0.38 1.72
C VAL A 214 -11.62 0.35 3.00
N LEU A 215 -11.06 0.01 4.18
CA LEU A 215 -11.87 0.06 5.41
C LEU A 215 -12.67 1.36 5.57
N VAL A 216 -12.01 2.46 5.87
CA VAL A 216 -12.73 3.71 6.16
C VAL A 216 -13.77 4.11 5.06
N ALA A 217 -13.34 4.16 3.79
CA ALA A 217 -14.28 4.44 2.70
C ALA A 217 -15.53 3.55 2.86
N ALA A 218 -15.34 2.24 2.97
CA ALA A 218 -16.48 1.33 2.94
C ALA A 218 -17.46 1.71 4.04
N LEU A 219 -16.95 1.98 5.24
CA LEU A 219 -17.84 2.33 6.35
C LEU A 219 -18.44 3.71 6.13
N ALA A 220 -17.58 4.66 5.75
CA ALA A 220 -17.96 6.07 5.70
C ALA A 220 -18.98 6.37 4.60
N LEU A 221 -19.06 5.46 3.64
CA LEU A 221 -20.06 5.55 2.58
C LEU A 221 -21.29 4.76 2.96
N ASP A 222 -21.42 4.49 4.28
CA ASP A 222 -22.56 3.73 4.86
C ASP A 222 -22.64 2.34 4.29
N GLY A 223 -21.50 1.77 3.92
CA GLY A 223 -21.51 0.43 3.31
C GLY A 223 -20.98 -0.69 4.19
N THR A 224 -20.52 -1.77 3.55
CA THR A 224 -20.07 -2.95 4.27
C THR A 224 -18.65 -3.31 3.89
N TYR A 225 -17.83 -3.50 4.93
CA TYR A 225 -16.47 -3.97 4.81
C TYR A 225 -16.43 -5.48 5.04
N VAL A 226 -16.04 -6.21 4.01
CA VAL A 226 -15.92 -7.65 4.14
C VAL A 226 -14.50 -8.04 4.55
N VAL A 227 -14.39 -8.58 5.75
CA VAL A 227 -13.08 -8.94 6.34
C VAL A 227 -12.46 -10.15 5.67
N VAL A 228 -11.17 -10.09 5.34
CA VAL A 228 -10.50 -11.26 4.81
C VAL A 228 -9.20 -11.51 5.56
N GLU A 229 -9.22 -12.59 6.35
CA GLU A 229 -8.10 -12.90 7.21
C GLU A 229 -6.96 -13.57 6.44
N GLU A 230 -7.27 -14.18 5.28
CA GLU A 230 -6.28 -14.89 4.45
C GLU A 230 -6.76 -14.96 3.00
N PHE A 231 -5.86 -14.61 2.09
CA PHE A 231 -6.27 -14.56 0.70
C PHE A 231 -6.11 -15.90 -0.03
N ARG A 232 -7.22 -16.39 -0.59
CA ARG A 232 -7.28 -17.51 -1.53
C ARG A 232 -8.21 -17.11 -2.69
N PRO A 233 -7.67 -17.05 -3.92
CA PRO A 233 -8.29 -16.57 -5.16
C PRO A 233 -9.69 -17.10 -5.43
N VAL A 234 -9.85 -18.41 -5.47
CA VAL A 234 -11.19 -19.02 -5.56
C VAL A 234 -12.11 -18.63 -4.40
N ASP A 235 -11.62 -18.73 -3.16
CA ASP A 235 -12.46 -18.38 -2.03
C ASP A 235 -12.96 -16.94 -2.17
N ALA A 236 -12.05 -16.08 -2.62
CA ALA A 236 -12.32 -14.67 -2.83
C ALA A 236 -13.37 -14.49 -3.93
N LEU A 237 -13.14 -15.12 -5.08
CA LEU A 237 -14.09 -14.97 -6.16
C LEU A 237 -15.43 -15.45 -5.67
N GLN A 238 -15.42 -16.46 -4.81
CA GLN A 238 -16.67 -16.93 -4.23
C GLN A 238 -17.29 -15.90 -3.31
N LEU A 239 -16.46 -15.21 -2.52
CA LEU A 239 -16.98 -14.13 -1.67
C LEU A 239 -17.67 -13.01 -2.45
N VAL A 240 -17.06 -12.57 -3.53
CA VAL A 240 -17.67 -11.59 -4.42
C VAL A 240 -19.11 -11.94 -4.71
N GLN A 241 -19.35 -13.10 -5.32
CA GLN A 241 -20.70 -13.52 -5.76
C GLN A 241 -21.62 -13.68 -4.56
N GLN A 242 -21.14 -14.45 -3.59
CA GLN A 242 -21.85 -14.71 -2.36
C GLN A 242 -22.12 -13.45 -1.54
N GLU A 243 -21.15 -12.55 -1.48
CA GLU A 243 -21.27 -11.35 -0.64
C GLU A 243 -21.88 -10.14 -1.29
N GLN A 244 -21.99 -10.19 -2.61
CA GLN A 244 -22.47 -9.06 -3.39
C GLN A 244 -21.43 -7.95 -3.40
N VAL A 245 -20.16 -8.32 -3.53
CA VAL A 245 -19.12 -7.32 -3.48
C VAL A 245 -19.34 -6.33 -4.61
N THR A 246 -19.27 -5.04 -4.28
CA THR A 246 -19.45 -4.02 -5.32
C THR A 246 -18.12 -3.48 -5.82
N SER A 247 -17.11 -3.50 -4.98
CA SER A 247 -15.80 -3.05 -5.40
C SER A 247 -14.66 -3.71 -4.62
N LEU A 248 -13.47 -3.75 -5.21
CA LEU A 248 -12.33 -4.33 -4.54
C LEU A 248 -11.08 -3.69 -5.04
N PHE A 249 -10.15 -3.51 -4.11
CA PHE A 249 -8.91 -2.89 -4.38
C PHE A 249 -7.83 -3.92 -4.01
N ALA A 250 -7.01 -4.31 -4.98
CA ALA A 250 -6.13 -5.49 -4.82
C ALA A 250 -4.75 -5.28 -5.39
N THR A 251 -3.78 -6.05 -4.90
CA THR A 251 -2.44 -5.86 -5.38
C THR A 251 -2.33 -6.53 -6.71
N PRO A 252 -1.36 -6.13 -7.52
CA PRO A 252 -1.08 -6.80 -8.78
C PRO A 252 -0.98 -8.32 -8.70
N THR A 253 -0.50 -8.86 -7.59
CA THR A 253 -0.44 -10.32 -7.45
C THR A 253 -1.82 -10.90 -7.23
N HIS A 254 -2.54 -10.32 -6.26
CA HIS A 254 -3.92 -10.73 -5.99
C HIS A 254 -4.68 -10.82 -7.34
N LEU A 255 -4.58 -9.76 -8.11
CA LEU A 255 -5.30 -9.69 -9.38
C LEU A 255 -4.97 -10.84 -10.32
N ASP A 256 -3.69 -11.09 -10.52
CA ASP A 256 -3.21 -12.22 -11.35
C ASP A 256 -3.87 -13.50 -10.86
N ALA A 257 -3.86 -13.73 -9.55
CA ALA A 257 -4.48 -14.94 -9.02
C ALA A 257 -5.96 -14.96 -9.40
N LEU A 258 -6.65 -13.85 -9.12
CA LEU A 258 -8.08 -13.77 -9.37
C LEU A 258 -8.42 -13.90 -10.86
N ALA A 259 -7.65 -13.24 -11.74
CA ALA A 259 -7.97 -13.27 -13.17
C ALA A 259 -7.85 -14.69 -13.77
N ALA A 260 -6.88 -15.45 -13.25
CA ALA A 260 -6.63 -16.79 -13.74
C ALA A 260 -7.72 -17.73 -13.18
N ALA A 261 -8.08 -17.56 -11.90
CA ALA A 261 -9.18 -18.35 -11.37
C ALA A 261 -10.45 -18.10 -12.24
N ALA A 262 -10.84 -16.83 -12.38
CA ALA A 262 -12.03 -16.48 -13.18
C ALA A 262 -12.00 -17.06 -14.58
N ALA A 263 -10.82 -17.05 -15.20
CA ALA A 263 -10.60 -17.71 -16.48
C ALA A 263 -10.76 -19.25 -16.42
N HIS A 264 -10.11 -19.91 -15.45
CA HIS A 264 -10.36 -21.35 -15.24
C HIS A 264 -11.54 -21.54 -14.25
N ALA A 265 -12.66 -20.88 -14.56
CA ALA A 265 -13.84 -20.86 -13.70
C ALA A 265 -15.11 -20.64 -14.50
N GLY A 266 -15.01 -20.79 -15.83
CA GLY A 266 -16.12 -20.43 -16.74
C GLY A 266 -16.89 -19.22 -16.23
N SER A 267 -18.22 -19.35 -16.12
CA SER A 267 -18.98 -18.48 -15.22
C SER A 267 -19.75 -19.40 -14.27
N SER A 268 -19.17 -19.58 -13.08
CA SER A 268 -19.66 -20.59 -12.14
C SER A 268 -20.40 -20.17 -10.83
N LEU A 269 -20.07 -19.07 -10.13
CA LEU A 269 -19.17 -17.89 -10.42
C LEU A 269 -19.71 -16.69 -11.24
N LYS A 270 -20.87 -16.17 -10.81
CA LYS A 270 -21.40 -14.92 -11.35
C LYS A 270 -20.75 -13.73 -10.61
N LEU A 271 -19.84 -13.07 -11.29
CA LEU A 271 -19.18 -11.91 -10.71
C LEU A 271 -19.93 -10.61 -11.06
N ASP A 272 -21.25 -10.70 -11.19
CA ASP A 272 -22.09 -9.62 -11.70
C ASP A 272 -21.95 -8.32 -10.89
N SER A 273 -21.92 -8.44 -9.57
CA SER A 273 -22.05 -7.25 -8.73
C SER A 273 -20.75 -6.47 -8.60
N LEU A 274 -19.65 -7.00 -9.12
CA LEU A 274 -18.38 -6.34 -9.00
C LEU A 274 -18.20 -5.23 -10.05
N ARG A 275 -18.24 -3.98 -9.61
CA ARG A 275 -18.26 -2.83 -10.53
C ARG A 275 -16.96 -2.03 -10.61
N HIS A 276 -16.09 -2.21 -9.62
CA HIS A 276 -14.83 -1.53 -9.62
C HIS A 276 -13.73 -2.46 -9.21
N VAL A 277 -12.72 -2.62 -10.06
CA VAL A 277 -11.52 -3.38 -9.66
C VAL A 277 -10.42 -2.35 -9.70
N THR A 278 -9.79 -2.09 -8.55
CA THR A 278 -8.83 -0.98 -8.48
C THR A 278 -7.46 -1.49 -8.05
N PHE A 279 -6.42 -0.85 -8.55
CA PHE A 279 -5.09 -1.31 -8.21
C PHE A 279 -4.01 -0.25 -8.44
N ALA A 280 -2.91 -0.33 -7.67
CA ALA A 280 -1.72 0.46 -7.97
C ALA A 280 -0.86 -0.40 -8.88
N GLY A 281 -1.05 -0.19 -10.19
CA GLY A 281 -0.43 -1.00 -11.19
C GLY A 281 0.74 -0.42 -11.95
N ALA A 282 1.48 0.53 -11.37
CA ALA A 282 2.69 1.07 -12.03
C ALA A 282 3.63 -0.06 -12.40
N THR A 283 3.75 -1.06 -11.53
CA THR A 283 4.70 -2.16 -11.76
C THR A 283 4.02 -3.39 -12.32
N MET A 284 2.77 -3.27 -12.73
CA MET A 284 2.05 -4.43 -13.19
C MET A 284 2.48 -4.73 -14.63
N PRO A 285 2.94 -5.95 -14.89
CA PRO A 285 3.40 -6.26 -16.25
C PRO A 285 2.26 -6.21 -17.22
N ASP A 286 2.57 -5.92 -18.47
CA ASP A 286 1.55 -5.82 -19.49
C ASP A 286 0.69 -7.06 -19.60
N ALA A 287 1.29 -8.23 -19.53
CA ALA A 287 0.50 -9.47 -19.65
C ALA A 287 -0.64 -9.51 -18.63
N VAL A 288 -0.33 -9.33 -17.34
CA VAL A 288 -1.32 -9.50 -16.26
C VAL A 288 -2.46 -8.52 -16.46
N LEU A 289 -2.09 -7.30 -16.81
CA LEU A 289 -3.10 -6.29 -16.96
C LEU A 289 -4.19 -6.90 -17.81
N GLU A 290 -3.80 -7.35 -18.99
CA GLU A 290 -4.78 -7.71 -19.96
C GLU A 290 -5.55 -9.00 -19.58
N THR A 291 -4.97 -9.88 -18.76
CA THR A 291 -5.80 -10.98 -18.26
C THR A 291 -6.85 -10.41 -17.32
N VAL A 292 -6.47 -9.41 -16.52
CA VAL A 292 -7.49 -8.66 -15.74
C VAL A 292 -8.64 -8.10 -16.61
N HIS A 293 -8.33 -7.53 -17.78
CA HIS A 293 -9.38 -6.98 -18.67
C HIS A 293 -10.20 -8.07 -19.29
N GLN A 294 -9.54 -9.10 -19.78
CA GLN A 294 -10.25 -10.20 -20.43
C GLN A 294 -11.12 -11.00 -19.49
N HIS A 295 -10.73 -11.11 -18.22
CA HIS A 295 -11.26 -12.18 -17.39
C HIS A 295 -11.96 -11.72 -16.12
N LEU A 296 -11.80 -10.46 -15.72
CA LEU A 296 -12.52 -9.95 -14.53
C LEU A 296 -13.55 -8.87 -14.89
N PRO A 297 -14.67 -8.75 -14.12
CA PRO A 297 -15.71 -7.83 -14.61
C PRO A 297 -15.44 -6.48 -14.02
N GLY A 298 -16.41 -5.57 -14.19
CA GLY A 298 -16.43 -4.24 -13.54
C GLY A 298 -15.38 -3.29 -14.05
N GLU A 299 -15.54 -2.01 -13.78
CA GLU A 299 -14.60 -1.02 -14.29
C GLU A 299 -13.23 -1.14 -13.60
N LYS A 300 -12.18 -1.13 -14.42
CA LYS A 300 -10.84 -1.24 -13.86
C LYS A 300 -10.25 0.13 -13.85
N VAL A 301 -9.72 0.51 -12.69
CA VAL A 301 -9.02 1.77 -12.58
C VAL A 301 -7.65 1.56 -11.98
N ASN A 302 -6.68 2.22 -12.60
CA ASN A 302 -5.29 2.16 -12.22
C ASN A 302 -4.93 3.40 -11.47
N GLY A 303 -4.27 3.25 -10.33
CA GLY A 303 -3.95 4.37 -9.47
C GLY A 303 -2.47 4.39 -9.11
N TYR A 304 -1.91 5.57 -8.92
CA TYR A 304 -0.59 5.73 -8.37
C TYR A 304 -0.72 6.62 -7.13
N GLY A 305 0.04 6.28 -6.09
CA GLY A 305 -0.11 6.90 -4.78
C GLY A 305 1.06 6.56 -3.90
N THR A 306 1.04 7.09 -2.69
CA THR A 306 2.21 6.95 -1.83
C THR A 306 1.60 7.06 -0.47
N THR A 307 2.30 6.57 0.53
CA THR A 307 1.94 6.76 1.92
C THR A 307 1.87 8.25 2.28
N GLU A 308 2.88 9.00 1.85
CA GLU A 308 3.03 10.43 2.19
C GLU A 308 1.84 11.28 1.73
N ALA A 309 1.33 11.05 0.50
CA ALA A 309 0.35 11.95 -0.14
C ALA A 309 -0.91 11.24 -0.65
N MET A 310 -0.98 9.93 -0.44
CA MET A 310 -2.15 9.14 -0.93
C MET A 310 -2.24 9.22 -2.46
N ASN A 311 -3.39 9.54 -3.03
CA ASN A 311 -3.57 9.39 -4.48
C ASN A 311 -3.10 10.53 -5.37
N SER A 312 -2.28 10.23 -6.37
CA SER A 312 -1.72 11.28 -7.21
C SER A 312 -2.02 11.19 -8.71
N LEU A 313 -2.41 10.01 -9.18
CA LEU A 313 -2.63 9.77 -10.61
C LEU A 313 -3.55 8.57 -10.77
N TYR A 314 -4.22 8.50 -11.92
CA TYR A 314 -5.10 7.39 -12.19
C TYR A 314 -5.41 7.30 -13.68
N MET A 315 -5.99 6.16 -14.08
CA MET A 315 -6.53 5.88 -15.42
C MET A 315 -7.72 5.00 -15.26
N ARG A 316 -8.84 5.47 -15.78
CA ARG A 316 -9.97 4.63 -15.99
C ARG A 316 -9.61 3.68 -17.15
N GLN A 317 -9.92 2.39 -17.03
CA GLN A 317 -9.80 1.47 -18.18
C GLN A 317 -8.41 1.48 -18.83
N PRO A 318 -7.39 1.20 -18.04
CA PRO A 318 -6.02 1.47 -18.46
C PRO A 318 -5.54 0.54 -19.58
N LYS A 319 -4.82 1.11 -20.56
CA LYS A 319 -4.14 0.29 -21.59
C LYS A 319 -2.83 -0.27 -21.02
N THR A 320 -1.99 0.58 -20.43
CA THR A 320 -0.75 0.10 -19.76
C THR A 320 -0.75 0.53 -18.32
N GLY A 321 0.25 0.11 -17.56
CA GLY A 321 0.26 0.27 -16.12
C GLY A 321 1.08 1.47 -15.68
N THR A 322 1.85 2.02 -16.61
CA THR A 322 2.89 2.98 -16.25
C THR A 322 2.43 4.44 -16.45
N GLU A 323 1.29 4.58 -17.12
CA GLU A 323 0.86 5.80 -17.79
C GLU A 323 -0.44 6.30 -17.17
N MET A 324 -0.34 7.37 -16.39
CA MET A 324 -1.49 7.87 -15.65
C MET A 324 -1.54 9.39 -15.55
N ALA A 325 -2.55 9.93 -14.89
CA ALA A 325 -2.83 11.36 -14.96
C ALA A 325 -3.49 11.75 -13.68
N PRO A 326 -3.27 13.00 -13.23
CA PRO A 326 -3.71 13.43 -11.90
C PRO A 326 -5.21 13.61 -11.85
N GLY A 327 -5.83 13.13 -10.77
CA GLY A 327 -7.24 13.49 -10.52
C GLY A 327 -7.49 14.52 -9.43
N PHE A 328 -8.69 14.46 -8.87
CA PHE A 328 -9.17 15.52 -7.97
C PHE A 328 -8.30 15.48 -6.75
N PHE A 329 -8.04 16.64 -6.19
CA PHE A 329 -7.14 16.94 -5.04
C PHE A 329 -5.68 17.13 -5.43
N SER A 330 -5.24 16.58 -6.56
CA SER A 330 -3.79 16.52 -6.84
C SER A 330 -3.30 17.66 -7.72
N GLU A 331 -2.01 17.94 -7.58
CA GLU A 331 -1.25 18.89 -8.42
C GLU A 331 0.14 18.30 -8.62
N VAL A 332 0.57 18.21 -9.87
CA VAL A 332 1.82 17.51 -10.08
C VAL A 332 2.78 18.17 -11.08
N ARG A 333 4.04 17.80 -10.97
CA ARG A 333 5.06 18.40 -11.78
C ARG A 333 6.14 17.38 -11.88
N ILE A 334 6.99 17.58 -12.90
CA ILE A 334 8.16 16.74 -13.17
C ILE A 334 9.34 17.67 -13.34
N VAL A 335 10.25 17.60 -12.38
CA VAL A 335 11.34 18.56 -12.20
C VAL A 335 12.70 17.88 -12.40
N ARG A 336 13.75 18.65 -12.65
CA ARG A 336 15.07 18.04 -12.88
C ARG A 336 15.57 17.29 -11.63
N ILE A 337 16.04 16.05 -11.81
CA ILE A 337 16.45 15.22 -10.66
C ILE A 337 17.50 15.96 -9.85
N GLY A 338 17.30 16.02 -8.53
CA GLY A 338 18.14 16.82 -7.64
C GLY A 338 18.12 18.26 -8.12
N GLY A 339 17.11 19.02 -7.69
CA GLY A 339 16.93 20.43 -8.09
C GLY A 339 15.69 21.05 -7.48
N GLY A 340 15.51 22.35 -7.67
CA GLY A 340 14.41 23.07 -7.00
C GLY A 340 13.05 22.67 -7.49
N VAL A 341 12.07 22.66 -6.61
CA VAL A 341 10.71 22.32 -7.02
C VAL A 341 10.28 23.13 -8.26
N ASP A 342 10.86 24.31 -8.43
CA ASP A 342 10.47 25.19 -9.52
C ASP A 342 11.12 24.94 -10.88
N GLU A 343 12.01 23.97 -10.95
CA GLU A 343 12.70 23.61 -12.20
C GLU A 343 11.95 22.59 -13.07
N ILE A 344 10.70 22.90 -13.49
CA ILE A 344 9.94 21.98 -14.39
C ILE A 344 10.82 21.50 -15.57
N VAL A 345 10.82 20.21 -15.88
CA VAL A 345 11.62 19.73 -17.03
C VAL A 345 11.01 20.17 -18.35
N ALA A 346 11.82 20.15 -19.42
CA ALA A 346 11.32 20.31 -20.80
C ALA A 346 10.17 19.33 -21.00
N ASN A 347 9.70 19.17 -22.23
CA ASN A 347 8.75 18.10 -22.42
C ASN A 347 9.43 16.98 -23.15
N GLY A 348 9.27 15.76 -22.62
CA GLY A 348 9.96 14.56 -23.13
C GLY A 348 11.22 14.20 -22.35
N GLU A 349 11.78 15.19 -21.65
CA GLU A 349 12.86 14.94 -20.70
C GLU A 349 12.30 14.32 -19.41
N GLU A 350 13.01 13.34 -18.85
CA GLU A 350 12.59 12.61 -17.65
C GLU A 350 12.96 13.40 -16.40
N GLY A 351 12.19 13.21 -15.34
CA GLY A 351 12.50 13.86 -14.08
C GLY A 351 11.82 13.27 -12.86
N GLU A 352 11.89 14.01 -11.76
CA GLU A 352 11.26 13.54 -10.57
C GLU A 352 9.83 14.04 -10.53
N LEU A 353 8.93 13.09 -10.36
CA LEU A 353 7.55 13.38 -10.10
C LEU A 353 7.47 14.00 -8.71
N ILE A 354 6.84 15.17 -8.62
CA ILE A 354 6.57 15.80 -7.33
C ILE A 354 5.13 16.23 -7.24
N VAL A 355 4.50 16.16 -6.06
CA VAL A 355 3.03 16.45 -5.98
C VAL A 355 2.68 17.42 -4.86
N ALA A 356 1.76 18.34 -5.08
CA ALA A 356 1.43 19.35 -4.04
C ALA A 356 1.17 18.71 -2.67
N ALA A 357 1.72 19.33 -1.63
CA ALA A 357 1.57 18.86 -0.24
C ALA A 357 0.33 19.44 0.44
N SER A 358 -0.84 19.19 -0.15
CA SER A 358 -2.12 19.72 0.32
C SER A 358 -2.59 18.94 1.53
N ASP A 359 -3.90 18.79 1.65
CA ASP A 359 -4.52 18.32 2.87
C ASP A 359 -4.29 16.86 3.10
N SER A 360 -4.06 16.11 2.03
CA SER A 360 -3.94 14.66 2.18
C SER A 360 -2.54 14.28 2.62
N ALA A 361 -1.64 15.28 2.61
CA ALA A 361 -0.22 15.08 2.88
C ALA A 361 0.07 14.72 4.35
N PHE A 362 1.08 13.88 4.52
CA PHE A 362 1.65 13.60 5.86
C PHE A 362 2.35 14.86 6.35
N VAL A 363 2.74 14.88 7.63
CA VAL A 363 3.33 16.09 8.17
C VAL A 363 4.83 15.98 8.45
N GLY A 364 5.39 14.81 8.14
CA GLY A 364 6.79 14.49 8.42
C GLY A 364 6.89 13.04 8.91
N TYR A 365 8.12 12.50 8.85
CA TYR A 365 8.45 11.24 9.50
C TYR A 365 8.82 11.45 10.97
N LEU A 366 8.17 10.67 11.84
CA LEU A 366 8.45 10.72 13.27
C LEU A 366 9.94 10.60 13.59
N ASN A 367 10.50 11.66 14.19
CA ASN A 367 11.93 11.73 14.58
C ASN A 367 12.97 11.56 13.46
N GLN A 368 12.59 11.83 12.21
CA GLN A 368 13.58 11.92 11.14
C GLN A 368 13.50 13.22 10.35
N PRO A 369 13.88 14.37 10.98
CA PRO A 369 13.78 15.71 10.35
C PRO A 369 14.59 15.96 9.07
N GLN A 370 15.76 15.35 8.92
CA GLN A 370 16.48 15.42 7.62
C GLN A 370 15.69 14.65 6.57
N ALA A 371 15.32 13.41 6.90
CA ALA A 371 14.47 12.65 6.01
C ALA A 371 13.28 13.52 5.57
N THR A 372 12.52 14.03 6.53
CA THR A 372 11.39 14.88 6.23
C THR A 372 11.81 16.00 5.30
N ALA A 373 12.85 16.74 5.66
CA ALA A 373 13.26 17.86 4.83
C ALA A 373 13.84 17.43 3.47
N GLU A 374 14.08 16.13 3.31
CA GLU A 374 14.43 15.61 1.99
C GLU A 374 13.19 15.42 1.10
N LYS A 375 12.03 15.28 1.77
CA LYS A 375 10.76 14.89 1.14
C LYS A 375 9.71 16.02 1.01
N LEU A 376 9.59 16.84 2.06
CA LEU A 376 8.69 18.02 2.04
C LEU A 376 9.50 19.26 1.76
N GLN A 377 9.35 19.76 0.54
CA GLN A 377 10.13 20.90 0.07
C GLN A 377 9.21 21.95 -0.45
N ASP A 378 9.30 23.13 0.16
CA ASP A 378 8.51 24.30 -0.22
C ASP A 378 7.08 23.91 -0.58
N GLY A 379 6.45 23.18 0.34
CA GLY A 379 5.08 22.73 0.19
C GLY A 379 4.79 21.78 -0.96
N TRP A 380 5.83 21.06 -1.43
CA TRP A 380 5.67 19.92 -2.36
C TRP A 380 6.11 18.63 -1.71
N TYR A 381 5.47 17.52 -2.07
CA TYR A 381 5.97 16.19 -1.72
C TYR A 381 6.75 15.53 -2.87
N ARG A 382 7.98 15.10 -2.58
CA ARG A 382 8.90 14.50 -3.57
C ARG A 382 8.76 12.97 -3.65
N THR A 383 8.25 12.48 -4.77
CA THR A 383 8.00 11.04 -4.86
C THR A 383 9.27 10.18 -4.86
N SER A 384 10.39 10.76 -5.24
CA SER A 384 11.64 9.97 -5.58
C SER A 384 11.42 8.97 -6.72
N ASP A 385 10.35 9.17 -7.50
CA ASP A 385 10.10 8.36 -8.67
C ASP A 385 10.43 9.15 -9.90
N VAL A 386 10.78 8.46 -10.98
CA VAL A 386 11.11 9.12 -12.24
C VAL A 386 9.94 9.03 -13.22
N ALA A 387 9.54 10.16 -13.75
CA ALA A 387 8.46 10.14 -14.72
C ALA A 387 8.83 10.95 -15.97
N VAL A 388 7.99 10.84 -16.99
CA VAL A 388 8.06 11.69 -18.18
C VAL A 388 6.64 12.04 -18.66
N TRP A 389 6.41 13.25 -19.18
CA TRP A 389 5.15 13.55 -19.87
C TRP A 389 5.02 12.92 -21.28
N THR A 390 4.03 12.07 -21.48
CA THR A 390 3.74 11.58 -22.84
C THR A 390 3.20 12.71 -23.70
N PRO A 391 3.50 12.70 -25.02
CA PRO A 391 2.83 13.67 -25.90
C PRO A 391 1.31 13.68 -25.71
N GLU A 392 0.75 12.60 -25.16
CA GLU A 392 -0.68 12.54 -24.85
C GLU A 392 -1.08 13.29 -23.57
N GLY A 393 -0.19 14.10 -23.01
CA GLY A 393 -0.48 14.86 -21.78
C GLY A 393 -0.67 14.00 -20.51
N THR A 394 -0.15 12.77 -20.51
CA THR A 394 -0.16 11.91 -19.32
C THR A 394 1.23 11.70 -18.75
N VAL A 395 1.26 11.13 -17.55
CA VAL A 395 2.50 10.91 -16.86
C VAL A 395 2.84 9.45 -16.98
N ARG A 396 4.09 9.18 -17.43
CA ARG A 396 4.63 7.84 -17.46
C ARG A 396 5.66 7.69 -16.34
N ILE A 397 5.32 6.81 -15.40
CA ILE A 397 6.20 6.39 -14.32
C ILE A 397 7.24 5.43 -14.91
N LEU A 398 8.52 5.71 -14.71
CA LEU A 398 9.59 4.91 -15.34
C LEU A 398 10.23 3.98 -14.33
N GLY A 399 10.13 4.38 -13.07
CA GLY A 399 10.82 3.69 -11.99
C GLY A 399 11.40 4.59 -10.92
N ARG A 400 11.96 3.98 -9.88
CA ARG A 400 12.45 4.66 -8.69
C ARG A 400 13.78 5.29 -9.02
N VAL A 401 13.98 6.51 -8.51
CA VAL A 401 15.20 7.28 -8.79
C VAL A 401 16.40 6.53 -8.26
N ASP A 402 16.17 5.83 -7.17
CA ASP A 402 17.18 5.10 -6.52
C ASP A 402 17.64 3.92 -7.36
N ASP A 403 16.72 3.24 -8.03
CA ASP A 403 17.07 2.11 -8.88
C ASP A 403 17.58 2.52 -10.27
N MET A 404 17.44 3.79 -10.62
CA MET A 404 17.86 4.25 -11.96
C MET A 404 19.29 3.83 -12.24
N ILE A 405 19.62 3.61 -13.50
CA ILE A 405 20.99 3.24 -13.86
C ILE A 405 21.54 4.23 -14.84
N ILE A 406 22.71 4.75 -14.53
CA ILE A 406 23.31 5.76 -15.37
C ILE A 406 24.47 5.11 -16.09
N SER A 407 24.27 4.86 -17.38
CA SER A 407 25.22 4.12 -18.18
C SER A 407 25.70 5.00 -19.30
N GLY A 408 26.98 5.38 -19.21
CA GLY A 408 27.58 6.41 -20.07
C GLY A 408 26.65 7.57 -20.42
N GLY A 409 26.34 8.42 -19.44
CA GLY A 409 25.40 9.56 -19.67
C GLY A 409 23.89 9.28 -19.89
N GLU A 410 23.46 8.01 -19.82
CA GLU A 410 22.12 7.62 -20.24
C GLU A 410 21.27 7.11 -19.08
N ASN A 411 19.96 7.33 -19.20
CA ASN A 411 19.04 6.92 -18.16
C ASN A 411 18.41 5.57 -18.46
N ILE A 412 18.70 4.61 -17.59
CA ILE A 412 18.17 3.26 -17.74
C ILE A 412 17.38 2.84 -16.51
N HIS A 413 16.13 2.44 -16.73
CA HIS A 413 15.32 1.94 -15.64
C HIS A 413 15.27 0.45 -15.65
N PRO A 414 15.93 -0.15 -14.67
CA PRO A 414 15.91 -1.58 -14.47
C PRO A 414 14.50 -2.20 -14.67
N SER A 415 13.46 -1.59 -14.12
CA SER A 415 12.09 -2.13 -14.31
C SER A 415 11.68 -2.43 -15.79
N GLU A 416 12.00 -1.54 -16.73
CA GLU A 416 11.69 -1.83 -18.14
C GLU A 416 12.31 -3.15 -18.56
N ILE A 417 13.62 -3.25 -18.36
CA ILE A 417 14.41 -4.41 -18.75
C ILE A 417 13.94 -5.66 -17.99
N GLU A 418 13.69 -5.51 -16.69
CA GLU A 418 13.07 -6.59 -15.92
C GLU A 418 11.76 -7.12 -16.56
N ARG A 419 10.96 -6.25 -17.17
CA ARG A 419 9.69 -6.67 -17.80
C ARG A 419 9.90 -7.47 -19.07
N VAL A 420 10.92 -7.14 -19.86
CA VAL A 420 11.23 -7.94 -21.05
C VAL A 420 11.82 -9.31 -20.67
N LEU A 421 12.93 -9.32 -19.91
CA LEU A 421 13.54 -10.58 -19.41
C LEU A 421 12.57 -11.47 -18.66
N GLY A 422 11.60 -10.85 -17.98
CA GLY A 422 10.61 -11.60 -17.26
C GLY A 422 9.79 -12.51 -18.15
N THR A 423 9.77 -12.26 -19.47
CA THR A 423 9.03 -13.11 -20.42
C THR A 423 9.90 -14.09 -21.18
N ALA A 424 11.22 -13.89 -21.12
CA ALA A 424 12.12 -14.82 -21.78
C ALA A 424 11.79 -16.25 -21.33
N PRO A 425 11.79 -17.20 -22.27
CA PRO A 425 11.35 -18.48 -21.75
C PRO A 425 12.43 -18.97 -20.80
N GLY A 426 11.98 -19.58 -19.71
CA GLY A 426 12.86 -20.14 -18.71
C GLY A 426 13.14 -19.26 -17.52
N VAL A 427 12.65 -18.02 -17.53
CA VAL A 427 12.95 -17.11 -16.45
C VAL A 427 11.90 -17.06 -15.36
N THR A 428 12.25 -17.53 -14.17
CA THR A 428 11.27 -17.37 -13.09
C THR A 428 11.26 -15.99 -12.41
N GLU A 429 12.42 -15.38 -12.14
CA GLU A 429 12.47 -13.94 -11.80
C GLU A 429 13.79 -13.29 -12.18
N VAL A 430 13.75 -11.97 -12.35
CA VAL A 430 14.94 -11.22 -12.72
C VAL A 430 15.03 -9.87 -12.02
N VAL A 431 16.23 -9.43 -11.67
CA VAL A 431 16.45 -8.04 -11.22
C VAL A 431 17.60 -7.51 -12.01
N VAL A 432 17.49 -6.29 -12.52
CA VAL A 432 18.58 -5.67 -13.28
C VAL A 432 19.20 -4.58 -12.42
N ILE A 433 20.49 -4.64 -12.21
CA ILE A 433 21.19 -3.65 -11.38
C ILE A 433 22.23 -2.94 -12.23
N GLY A 434 22.77 -1.84 -11.72
CA GLY A 434 23.91 -1.19 -12.36
C GLY A 434 25.21 -1.51 -11.65
N LEU A 435 26.05 -2.36 -12.24
CA LEU A 435 27.31 -2.67 -11.57
C LEU A 435 28.21 -1.47 -11.60
N ALA A 436 28.86 -1.24 -10.46
CA ALA A 436 29.70 -0.08 -10.26
C ALA A 436 30.85 -0.29 -11.20
N ASP A 437 30.84 0.34 -12.38
CA ASP A 437 31.82 -0.08 -13.40
C ASP A 437 32.12 0.86 -14.55
N GLN A 438 32.11 0.27 -15.74
CA GLN A 438 32.67 0.90 -16.91
C GLN A 438 32.07 0.45 -18.27
N ARG A 439 32.57 1.12 -19.32
CA ARG A 439 31.77 1.73 -20.43
C ARG A 439 31.71 3.15 -19.89
N TRP A 440 30.93 3.27 -18.81
CA TRP A 440 31.34 3.96 -17.56
C TRP A 440 30.26 4.40 -16.62
N GLY A 441 30.67 4.61 -15.38
CA GLY A 441 29.78 4.89 -14.29
C GLY A 441 29.21 3.56 -13.91
N GLN A 442 28.37 3.02 -14.79
CA GLN A 442 27.63 1.84 -14.45
C GLN A 442 27.29 1.01 -15.65
N SER A 443 27.48 -0.29 -15.52
CA SER A 443 27.20 -1.26 -16.58
C SER A 443 25.94 -2.07 -16.28
N VAL A 444 25.03 -2.18 -17.27
CA VAL A 444 23.71 -2.84 -17.03
C VAL A 444 23.86 -4.36 -16.88
N THR A 445 23.43 -4.89 -15.75
CA THR A 445 23.66 -6.27 -15.42
C THR A 445 22.34 -6.93 -15.02
N ALA A 446 22.06 -8.11 -15.60
CA ALA A 446 20.83 -8.88 -15.30
C ALA A 446 21.08 -10.07 -14.38
N CYS A 447 20.31 -10.17 -13.29
CA CYS A 447 20.47 -11.31 -12.38
C CYS A 447 19.27 -12.19 -12.48
N VAL A 448 19.42 -13.39 -13.05
CA VAL A 448 18.16 -14.06 -13.31
C VAL A 448 18.14 -15.41 -12.68
N VAL A 449 16.94 -15.88 -12.37
CA VAL A 449 16.68 -17.10 -11.67
C VAL A 449 15.76 -17.97 -12.54
N PRO A 450 16.21 -19.21 -12.82
CA PRO A 450 15.57 -20.14 -13.72
C PRO A 450 14.33 -20.79 -13.15
N ARG A 451 13.43 -21.24 -14.02
CA ARG A 451 12.29 -22.03 -13.61
C ARG A 451 12.78 -23.36 -13.03
N LEU A 452 12.07 -23.86 -12.04
CA LEU A 452 12.46 -25.11 -11.44
C LEU A 452 12.87 -26.08 -12.53
N GLY A 453 14.09 -26.55 -12.47
CA GLY A 453 14.51 -27.69 -13.28
C GLY A 453 15.31 -27.20 -14.48
N GLU A 454 15.11 -25.94 -14.83
CA GLU A 454 15.55 -25.46 -16.11
C GLU A 454 16.92 -24.80 -16.13
N THR A 455 17.52 -24.76 -17.30
CA THR A 455 18.81 -24.09 -17.56
C THR A 455 18.65 -22.70 -18.19
N LEU A 456 19.52 -21.74 -17.85
CA LEU A 456 19.61 -20.47 -18.62
C LEU A 456 21.06 -20.26 -19.10
N SER A 457 21.28 -19.47 -20.15
CA SER A 457 22.66 -19.07 -20.52
C SER A 457 22.64 -17.64 -20.98
N ALA A 458 23.77 -16.97 -20.80
CA ALA A 458 23.82 -15.54 -21.13
C ALA A 458 23.62 -15.34 -22.63
N ASP A 459 24.27 -16.18 -23.41
CA ASP A 459 24.10 -16.20 -24.85
C ASP A 459 22.64 -16.19 -25.27
N ALA A 460 21.87 -17.15 -24.75
CA ALA A 460 20.46 -17.27 -25.09
C ALA A 460 19.64 -16.04 -24.60
N LEU A 461 19.88 -15.61 -23.37
CA LEU A 461 19.16 -14.43 -22.90
C LEU A 461 19.50 -13.15 -23.69
N ASP A 462 20.71 -13.09 -24.21
CA ASP A 462 21.14 -11.97 -25.04
C ASP A 462 20.41 -12.02 -26.37
N THR A 463 20.42 -13.17 -27.05
CA THR A 463 19.66 -13.31 -28.31
C THR A 463 18.18 -12.93 -28.08
N PHE A 464 17.59 -13.41 -26.98
CA PHE A 464 16.24 -13.06 -26.68
C PHE A 464 16.05 -11.57 -26.65
N CYS A 465 16.85 -10.88 -25.83
CA CYS A 465 16.82 -9.39 -25.79
C CYS A 465 17.09 -8.74 -27.13
N ARG A 466 17.99 -9.34 -27.89
CA ARG A 466 18.35 -8.82 -29.19
C ARG A 466 17.05 -8.81 -30.03
N SER A 467 16.27 -9.88 -29.92
CA SER A 467 15.00 -10.03 -30.65
C SER A 467 13.90 -9.15 -30.11
N SER A 468 14.18 -8.38 -29.08
CA SER A 468 13.15 -7.72 -28.35
C SER A 468 13.16 -6.26 -28.70
N GLU A 469 12.22 -5.55 -28.09
CA GLU A 469 12.00 -4.15 -28.33
C GLU A 469 13.06 -3.18 -27.78
N LEU A 470 13.90 -3.63 -26.85
CA LEU A 470 14.84 -2.71 -26.19
C LEU A 470 15.80 -2.02 -27.13
N ALA A 471 15.96 -0.71 -26.92
CA ALA A 471 16.97 0.08 -27.60
C ALA A 471 18.36 -0.44 -27.24
N ASP A 472 19.31 -0.28 -28.16
CA ASP A 472 20.70 -0.75 -27.99
C ASP A 472 21.17 -0.74 -26.54
N PHE A 473 21.45 0.48 -26.04
CA PHE A 473 22.14 0.71 -24.76
C PHE A 473 21.47 0.06 -23.56
N LYS A 474 20.18 -0.28 -23.68
CA LYS A 474 19.45 -0.88 -22.57
C LYS A 474 19.79 -2.36 -22.36
N ARG A 475 20.14 -3.06 -23.42
CA ARG A 475 20.51 -4.45 -23.27
C ARG A 475 21.54 -4.65 -22.16
N PRO A 476 21.30 -5.61 -21.26
CA PRO A 476 22.33 -6.02 -20.30
C PRO A 476 23.69 -6.27 -20.94
N LYS A 477 24.75 -5.82 -20.26
CA LYS A 477 26.11 -6.14 -20.69
C LYS A 477 26.59 -7.43 -20.07
N ARG A 478 25.86 -7.98 -19.11
CA ARG A 478 26.32 -9.15 -18.36
C ARG A 478 25.14 -9.86 -17.69
N TYR A 479 25.22 -11.17 -17.49
CA TYR A 479 24.17 -11.97 -16.81
C TYR A 479 24.74 -12.74 -15.65
N PHE A 480 24.01 -12.87 -14.55
CA PHE A 480 24.42 -13.80 -13.53
C PHE A 480 23.16 -14.58 -13.32
N ILE A 481 23.24 -15.89 -13.55
CA ILE A 481 22.18 -16.87 -13.23
C ILE A 481 22.35 -17.35 -11.78
N LEU A 482 21.35 -17.07 -10.98
CA LEU A 482 21.40 -17.31 -9.53
C LEU A 482 20.25 -18.21 -9.25
N ASP A 483 20.33 -19.00 -8.20
CA ASP A 483 19.14 -19.78 -7.91
C ASP A 483 18.24 -19.16 -6.87
N GLN A 484 18.62 -18.00 -6.34
CA GLN A 484 17.68 -17.14 -5.61
C GLN A 484 18.24 -15.71 -5.48
N LEU A 485 17.34 -14.75 -5.29
CA LEU A 485 17.69 -13.38 -5.02
C LEU A 485 17.54 -13.08 -3.53
N PRO A 486 18.50 -12.35 -2.95
CA PRO A 486 18.40 -12.12 -1.51
C PRO A 486 17.26 -11.14 -1.29
N LYS A 487 16.32 -11.48 -0.43
CA LYS A 487 15.24 -10.52 -0.12
C LYS A 487 15.09 -10.26 1.38
N ASN A 488 14.53 -9.08 1.71
CA ASN A 488 14.25 -8.71 3.08
C ASN A 488 13.05 -9.49 3.54
N ALA A 489 12.78 -9.40 4.84
CA ALA A 489 11.59 -10.00 5.44
C ALA A 489 10.31 -9.78 4.63
N LEU A 490 10.22 -8.69 3.85
CA LEU A 490 9.00 -8.34 3.06
C LEU A 490 9.04 -8.76 1.58
N ASN A 491 9.54 -9.96 1.28
CA ASN A 491 9.63 -10.51 -0.09
C ASN A 491 10.14 -9.56 -1.20
N LYS A 492 11.01 -8.60 -0.84
CA LYS A 492 11.47 -7.51 -1.72
C LYS A 492 13.00 -7.43 -1.83
N VAL A 493 13.50 -7.16 -3.04
CA VAL A 493 14.92 -7.39 -3.39
C VAL A 493 15.90 -6.45 -2.69
N LEU A 494 16.90 -7.04 -2.04
CA LEU A 494 17.96 -6.29 -1.38
C LEU A 494 18.98 -5.79 -2.41
N ARG A 495 18.52 -4.85 -3.24
CA ARG A 495 19.30 -4.30 -4.35
C ARG A 495 20.72 -3.89 -3.97
N ARG A 496 20.87 -2.85 -3.16
CA ARG A 496 22.21 -2.45 -2.74
C ARG A 496 23.08 -3.71 -2.43
N GLN A 497 22.50 -4.73 -1.81
CA GLN A 497 23.28 -5.83 -1.27
C GLN A 497 23.62 -6.92 -2.28
N LEU A 498 22.67 -7.19 -3.18
CA LEU A 498 22.87 -8.14 -4.27
C LEU A 498 24.14 -7.79 -4.98
N VAL A 499 24.27 -6.52 -5.32
CA VAL A 499 25.51 -5.94 -5.87
C VAL A 499 26.78 -6.44 -5.16
N GLN A 500 26.83 -6.37 -3.82
CA GLN A 500 28.01 -6.86 -3.08
C GLN A 500 28.27 -8.33 -3.44
N GLN A 501 27.20 -9.12 -3.42
CA GLN A 501 27.22 -10.54 -3.70
C GLN A 501 27.56 -10.92 -5.16
N VAL A 502 27.64 -9.96 -6.08
CA VAL A 502 28.03 -10.28 -7.46
C VAL A 502 29.31 -9.61 -7.93
N SER A 503 29.58 -8.40 -7.41
CA SER A 503 30.76 -7.61 -7.81
C SER A 503 32.01 -8.08 -7.07
CL4 34Z B . -3.96 6.09 -3.01
C4 34Z B . -2.48 5.13 -3.03
C5 34Z B . -1.66 5.09 -1.90
C6 34Z B . -0.51 4.35 -1.95
C3 34Z B . -2.26 4.50 -4.23
CL3 34Z B . -3.45 4.70 -5.64
C2 34Z B . -1.11 3.74 -4.25
C1 34Z B . -0.26 3.69 -3.13
C 34Z B . 0.97 2.86 -3.20
O2 34Z B . 1.60 2.73 -2.13
O1 34Z B . 1.31 2.31 -4.28
#